data_1TU1
#
_entry.id   1TU1
#
_cell.length_a   88.247
_cell.length_b   88.247
_cell.length_c   107.071
_cell.angle_alpha   90.00
_cell.angle_beta   90.00
_cell.angle_gamma   90.00
#
_symmetry.space_group_name_H-M   'P 43 21 2'
#
loop_
_entity.id
_entity.type
_entity.pdbx_description
1 polymer 'hypothetical protein PA0094'
2 non-polymer 1,2-ETHANEDIOL
3 non-polymer DI(HYDROXYETHYL)ETHER
4 non-polymer 'SULFATE ION'
5 water water
#
_entity_poly.entity_id   1
_entity_poly.type   'polypeptide(L)'
_entity_poly.pdbx_seq_one_letter_code
;GHMTLYRLHEADLEIPDAWQDQSINIFKLPASGPAREASFVISRDASQGDAPFADYVARQLENAEKQLPGFKLHKRWDIN
IHGHAAVLLDYQWQREGRDLMLRQVFIERRPAVLITTLTTTPADLPHHEPAWKQAMQTLVPRPTPSGS
;
_entity_poly.pdbx_strand_id   A,B
#
loop_
_chem_comp.id
_chem_comp.type
_chem_comp.name
_chem_comp.formula
EDO non-polymer 1,2-ETHANEDIOL 'C2 H6 O2'
PEG non-polymer DI(HYDROXYETHYL)ETHER 'C4 H10 O3'
SO4 non-polymer 'SULFATE ION' 'O4 S -2'
#
# COMPACT_ATOMS: atom_id res chain seq x y z
N GLY A 1 14.80 11.42 16.25
CA GLY A 1 15.89 12.07 15.45
C GLY A 1 15.45 12.63 14.10
N HIS A 2 15.61 11.84 13.03
CA HIS A 2 15.20 12.23 11.68
C HIS A 2 14.02 11.35 11.23
N MET A 3 12.81 11.70 11.65
CA MET A 3 11.61 10.94 11.27
C MET A 3 10.39 11.85 11.07
N THR A 4 9.32 11.28 10.55
CA THR A 4 8.07 11.98 10.34
C THR A 4 6.85 11.09 10.63
N LEU A 5 5.81 11.70 11.21
CA LEU A 5 4.56 11.01 11.53
C LEU A 5 3.81 10.58 10.28
N TYR A 6 3.58 9.29 10.11
CA TYR A 6 2.95 8.75 8.92
C TYR A 6 1.56 8.20 9.29
N ARG A 7 0.57 8.61 8.52
CA ARG A 7 -0.81 8.29 8.80
C ARG A 7 -1.31 7.20 7.84
N LEU A 8 -1.87 6.14 8.42
CA LEU A 8 -2.64 5.16 7.68
C LEU A 8 -4.03 4.99 8.32
N HIS A 9 -4.88 4.21 7.70
CA HIS A 9 -6.29 4.15 8.08
C HIS A 9 -6.45 3.55 9.47
N GLU A 10 -5.54 2.64 9.81
CA GLU A 10 -5.62 1.82 11.02
C GLU A 10 -4.70 2.25 12.14
N ALA A 11 -3.82 3.22 11.86
CA ALA A 11 -2.79 3.59 12.82
C ALA A 11 -1.96 4.81 12.36
N ASP A 12 -1.13 5.30 13.27
CA ASP A 12 -0.09 6.28 12.96
C ASP A 12 1.20 5.74 13.49
N LEU A 13 2.31 6.06 12.84
CA LEU A 13 3.62 5.75 13.36
C LEU A 13 4.66 6.71 12.80
N GLU A 14 5.81 6.82 13.48
CA GLU A 14 6.89 7.64 12.97
C GLU A 14 7.73 6.81 12.04
N ILE A 15 7.93 7.32 10.81
CA ILE A 15 8.76 6.67 9.81
C ILE A 15 10.08 7.47 9.57
N PRO A 16 11.24 6.81 9.66
CA PRO A 16 12.51 7.48 9.33
C PRO A 16 12.50 8.10 7.93
N ASP A 17 12.95 9.35 7.82
CA ASP A 17 12.96 10.07 6.54
C ASP A 17 13.81 9.37 5.48
N ALA A 18 14.80 8.60 5.91
CA ALA A 18 15.63 7.86 4.97
C ALA A 18 14.89 6.71 4.29
N TRP A 19 13.79 6.24 4.87
CA TRP A 19 13.00 5.15 4.25
C TRP A 19 12.27 5.64 2.99
N GLN A 20 12.22 4.79 1.97
CA GLN A 20 11.59 5.14 0.72
C GLN A 20 10.19 4.51 0.67
N ASP A 21 9.19 5.36 0.49
CA ASP A 21 7.78 4.95 0.50
C ASP A 21 7.32 4.42 -0.84
N GLN A 22 6.78 3.20 -0.85
CA GLN A 22 6.29 2.52 -2.05
C GLN A 22 4.83 2.03 -1.83
N SER A 23 4.16 2.66 -0.89
CA SER A 23 2.84 2.22 -0.44
C SER A 23 1.79 2.22 -1.59
N ILE A 24 0.92 1.23 -1.58
CA ILE A 24 -0.19 1.17 -2.54
C ILE A 24 -1.51 0.86 -1.82
N ASN A 25 -2.50 1.72 -1.99
CA ASN A 25 -3.85 1.40 -1.52
C ASN A 25 -4.60 0.71 -2.63
N ILE A 26 -5.23 -0.42 -2.31
CA ILE A 26 -5.84 -1.26 -3.34
C ILE A 26 -7.29 -1.50 -2.92
N PHE A 27 -8.21 -1.19 -3.82
CA PHE A 27 -9.65 -1.44 -3.63
C PHE A 27 -10.21 -2.19 -4.84
N LYS A 28 -10.97 -3.25 -4.59
CA LYS A 28 -11.61 -3.99 -5.66
C LYS A 28 -13.09 -3.65 -5.65
N LEU A 29 -13.58 -3.19 -6.79
CA LEU A 29 -14.98 -2.82 -7.00
C LEU A 29 -15.72 -4.08 -7.45
N PRO A 30 -16.69 -4.56 -6.68
CA PRO A 30 -17.30 -5.87 -6.93
C PRO A 30 -17.89 -6.05 -8.32
N ALA A 31 -17.73 -7.25 -8.89
CA ALA A 31 -18.46 -7.64 -10.09
C ALA A 31 -19.96 -7.46 -9.85
N SER A 32 -20.70 -7.29 -10.93
CA SER A 32 -22.15 -7.12 -10.88
C SER A 32 -22.74 -7.47 -12.23
N GLY A 33 -23.46 -8.59 -12.30
CA GLY A 33 -24.02 -9.06 -13.57
C GLY A 33 -22.94 -9.52 -14.55
N PRO A 34 -22.89 -8.91 -15.73
CA PRO A 34 -21.86 -9.21 -16.72
C PRO A 34 -20.57 -8.36 -16.54
N ALA A 35 -20.63 -7.31 -15.72
CA ALA A 35 -19.44 -6.51 -15.42
C ALA A 35 -18.53 -7.26 -14.45
N ARG A 36 -17.27 -7.38 -14.80
CA ARG A 36 -16.28 -8.00 -13.90
C ARG A 36 -15.78 -7.02 -12.83
N GLU A 37 -15.10 -7.58 -11.84
CA GLU A 37 -14.50 -6.80 -10.77
C GLU A 37 -13.47 -5.85 -11.37
N ALA A 38 -13.49 -4.61 -10.93
CA ALA A 38 -12.46 -3.62 -11.30
C ALA A 38 -11.56 -3.32 -10.10
N SER A 39 -10.46 -2.61 -10.35
CA SER A 39 -9.60 -2.18 -9.26
C SER A 39 -9.42 -0.66 -9.27
N PHE A 40 -9.30 -0.11 -8.07
CA PHE A 40 -9.02 1.32 -7.86
C PHE A 40 -7.82 1.34 -6.93
N VAL A 41 -6.71 1.87 -7.41
CA VAL A 41 -5.42 1.76 -6.76
C VAL A 41 -4.80 3.17 -6.58
N ILE A 42 -4.34 3.45 -5.37
CA ILE A 42 -3.64 4.71 -5.07
C ILE A 42 -2.19 4.40 -4.89
N SER A 43 -1.36 5.08 -5.67
CA SER A 43 0.08 4.94 -5.66
C SER A 43 0.74 6.34 -5.53
N ARG A 44 2.05 6.34 -5.29
CA ARG A 44 2.85 7.56 -5.10
C ARG A 44 4.02 7.54 -6.07
N ASP A 45 4.43 8.74 -6.53
CA ASP A 45 5.57 8.86 -7.44
C ASP A 45 6.39 10.08 -7.00
N ALA A 46 7.56 9.82 -6.42
CA ALA A 46 8.42 10.87 -5.90
C ALA A 46 9.45 11.38 -6.94
N SER A 47 9.25 11.04 -8.20
CA SER A 47 10.21 11.38 -9.26
C SER A 47 10.02 12.79 -9.87
N GLN A 48 9.00 13.54 -9.46
CA GLN A 48 8.76 14.86 -10.03
C GLN A 48 9.95 15.75 -9.70
N GLY A 49 10.36 15.75 -8.43
CA GLY A 49 11.41 16.61 -7.94
C GLY A 49 11.05 18.08 -8.14
N ASP A 50 11.96 18.88 -8.65
CA ASP A 50 11.68 20.30 -8.83
C ASP A 50 11.21 20.65 -10.25
N ALA A 51 10.93 19.63 -11.05
CA ALA A 51 10.36 19.86 -12.38
C ALA A 51 8.93 20.38 -12.31
N PRO A 52 8.54 21.22 -13.27
CA PRO A 52 7.16 21.65 -13.40
C PRO A 52 6.25 20.43 -13.49
N PHE A 53 5.10 20.47 -12.84
CA PHE A 53 4.13 19.39 -12.86
C PHE A 53 3.69 19.05 -14.28
N ALA A 54 3.57 20.06 -15.15
CA ALA A 54 3.21 19.83 -16.55
C ALA A 54 4.20 18.97 -17.25
N ASP A 55 5.50 19.19 -17.00
CA ASP A 55 6.55 18.36 -17.58
C ASP A 55 6.53 16.94 -17.02
N TYR A 56 6.26 16.81 -15.72
CA TYR A 56 6.13 15.49 -15.09
C TYR A 56 5.03 14.68 -15.79
N VAL A 57 3.86 15.30 -15.97
CA VAL A 57 2.73 14.63 -16.61
C VAL A 57 3.06 14.27 -18.07
N ALA A 58 3.77 15.18 -18.77
CA ALA A 58 4.14 14.93 -20.16
C ALA A 58 5.03 13.70 -20.22
N ARG A 59 5.93 13.55 -19.24
CA ARG A 59 6.84 12.41 -19.18
C ARG A 59 6.06 11.10 -18.97
N GLN A 60 5.05 11.13 -18.11
CA GLN A 60 4.21 9.94 -17.88
C GLN A 60 3.55 9.50 -19.19
N LEU A 61 3.03 10.46 -19.94
CA LEU A 61 2.36 10.17 -21.19
C LEU A 61 3.32 9.57 -22.21
N GLU A 62 4.53 10.13 -22.28
CA GLU A 62 5.60 9.64 -23.13
C GLU A 62 6.04 8.24 -22.71
N ASN A 63 6.13 8.00 -21.40
CA ASN A 63 6.42 6.65 -20.92
C ASN A 63 5.35 5.66 -21.34
N ALA A 64 4.08 6.09 -21.31
CA ALA A 64 2.97 5.20 -21.63
C ALA A 64 2.94 4.86 -23.13
N GLU A 65 3.22 5.87 -23.94
CA GLU A 65 3.28 5.72 -25.40
C GLU A 65 4.40 4.76 -25.78
N LYS A 66 5.54 4.85 -25.08
CA LYS A 66 6.74 4.10 -25.44
C LYS A 66 6.79 2.67 -24.84
N GLN A 67 6.12 2.47 -23.71
CA GLN A 67 6.28 1.23 -22.95
C GLN A 67 5.05 0.33 -22.91
N LEU A 68 3.87 0.83 -23.24
CA LEU A 68 2.63 0.06 -23.16
C LEU A 68 2.13 -0.30 -24.56
N PRO A 69 2.25 -1.58 -24.94
CA PRO A 69 1.73 -2.04 -26.23
C PRO A 69 0.29 -1.63 -26.42
N GLY A 70 -0.03 -1.12 -27.61
CA GLY A 70 -1.40 -0.77 -27.95
C GLY A 70 -1.91 0.49 -27.27
N PHE A 71 -1.01 1.27 -26.68
CA PHE A 71 -1.42 2.47 -25.95
C PHE A 71 -2.23 3.40 -26.85
N LYS A 72 -3.35 3.90 -26.33
CA LYS A 72 -4.18 4.88 -27.02
C LYS A 72 -4.87 5.81 -26.03
N LEU A 73 -4.58 7.10 -26.15
CA LEU A 73 -5.18 8.12 -25.28
C LEU A 73 -6.58 8.48 -25.76
N HIS A 74 -7.60 8.22 -24.94
CA HIS A 74 -8.95 8.69 -25.24
C HIS A 74 -9.08 10.18 -24.96
N LYS A 75 -8.76 10.59 -23.73
CA LYS A 75 -8.98 11.97 -23.30
C LYS A 75 -8.10 12.40 -22.12
N ARG A 76 -7.61 13.64 -22.20
CA ARG A 76 -6.87 14.26 -21.13
C ARG A 76 -7.65 15.44 -20.57
N TRP A 77 -7.67 15.57 -19.25
CA TRP A 77 -8.39 16.63 -18.58
C TRP A 77 -7.46 17.26 -17.54
N ASP A 78 -7.27 18.57 -17.65
CA ASP A 78 -6.52 19.35 -16.67
C ASP A 78 -7.52 19.90 -15.68
N ILE A 79 -7.38 19.51 -14.42
CA ILE A 79 -8.34 19.85 -13.41
C ILE A 79 -7.69 20.31 -12.13
N ASN A 80 -8.51 20.89 -11.27
CA ASN A 80 -8.09 21.35 -9.97
C ASN A 80 -8.83 20.55 -8.90
N ILE A 81 -8.08 19.98 -7.96
CA ILE A 81 -8.67 19.25 -6.83
C ILE A 81 -8.27 19.95 -5.55
N HIS A 82 -9.20 20.71 -4.98
CA HIS A 82 -8.95 21.45 -3.73
C HIS A 82 -7.63 22.21 -3.78
N GLY A 83 -7.43 22.89 -4.90
CA GLY A 83 -6.28 23.77 -5.10
C GLY A 83 -5.08 23.07 -5.65
N HIS A 84 -5.08 21.73 -5.67
CA HIS A 84 -4.00 20.94 -6.21
C HIS A 84 -4.16 20.76 -7.71
N ALA A 85 -3.10 21.01 -8.45
CA ALA A 85 -3.08 20.70 -9.87
C ALA A 85 -3.20 19.16 -10.09
N ALA A 86 -4.02 18.80 -11.06
CA ALA A 86 -4.24 17.40 -11.36
C ALA A 86 -4.49 17.20 -12.86
N VAL A 87 -4.14 16.04 -13.35
CA VAL A 87 -4.46 15.64 -14.71
C VAL A 87 -5.13 14.26 -14.68
N LEU A 88 -6.30 14.15 -15.31
CA LEU A 88 -6.94 12.86 -15.63
C LEU A 88 -6.63 12.42 -17.04
N LEU A 89 -6.10 11.21 -17.17
CA LEU A 89 -5.86 10.58 -18.45
C LEU A 89 -6.70 9.33 -18.57
N ASP A 90 -7.64 9.32 -19.52
CA ASP A 90 -8.40 8.14 -19.90
C ASP A 90 -7.70 7.51 -21.06
N TYR A 91 -7.23 6.29 -20.86
CA TYR A 91 -6.53 5.58 -21.92
C TYR A 91 -6.71 4.07 -21.86
N GLN A 92 -6.38 3.44 -22.97
CA GLN A 92 -6.36 1.99 -23.05
C GLN A 92 -4.99 1.53 -23.48
N TRP A 93 -4.67 0.29 -23.10
CA TRP A 93 -3.54 -0.41 -23.68
C TRP A 93 -3.79 -1.93 -23.70
N GLN A 94 -2.88 -2.66 -24.32
CA GLN A 94 -3.04 -4.10 -24.53
C GLN A 94 -2.09 -4.85 -23.63
N ARG A 95 -2.65 -5.42 -22.57
CA ARG A 95 -1.91 -6.14 -21.56
C ARG A 95 -2.05 -7.63 -21.84
N GLU A 96 -0.94 -8.28 -22.11
CA GLU A 96 -0.92 -9.72 -22.36
C GLU A 96 -1.95 -10.14 -23.38
N GLY A 97 -2.19 -9.29 -24.38
CA GLY A 97 -3.06 -9.59 -25.50
C GLY A 97 -4.48 -9.09 -25.41
N ARG A 98 -4.86 -8.46 -24.31
CA ARG A 98 -6.23 -7.96 -24.21
C ARG A 98 -6.29 -6.53 -23.73
N ASP A 99 -7.36 -5.85 -24.09
CA ASP A 99 -7.43 -4.41 -23.87
C ASP A 99 -8.03 -4.06 -22.51
N LEU A 100 -7.35 -3.13 -21.84
CA LEU A 100 -7.78 -2.60 -20.55
C LEU A 100 -8.04 -1.13 -20.69
N MET A 101 -9.08 -0.65 -20.00
CA MET A 101 -9.43 0.75 -19.91
C MET A 101 -8.98 1.31 -18.55
N LEU A 102 -8.22 2.39 -18.60
CA LEU A 102 -7.72 3.08 -17.41
C LEU A 102 -8.25 4.50 -17.31
N ARG A 103 -8.63 4.90 -16.10
CA ARG A 103 -8.85 6.30 -15.76
C ARG A 103 -7.89 6.63 -14.62
N GLN A 104 -6.84 7.36 -14.96
CA GLN A 104 -5.68 7.60 -14.11
C GLN A 104 -5.52 9.09 -13.78
N VAL A 105 -5.60 9.45 -12.50
CA VAL A 105 -5.50 10.83 -12.08
C VAL A 105 -4.14 11.07 -11.38
N PHE A 106 -3.42 12.07 -11.84
CA PHE A 106 -2.18 12.47 -11.21
C PHE A 106 -2.45 13.73 -10.45
N ILE A 107 -2.16 13.72 -9.14
CA ILE A 107 -2.41 14.87 -8.29
C ILE A 107 -1.09 15.38 -7.75
N GLU A 108 -0.73 16.59 -8.14
CA GLU A 108 0.50 17.20 -7.67
C GLU A 108 0.47 17.34 -6.15
N ARG A 109 1.50 16.82 -5.50
CA ARG A 109 1.74 17.00 -4.08
C ARG A 109 3.22 16.80 -3.80
N ARG A 110 3.67 17.33 -2.68
CA ARG A 110 5.02 17.09 -2.18
C ARG A 110 4.92 16.30 -0.89
N PRO A 111 5.81 15.33 -0.68
CA PRO A 111 6.97 15.05 -1.52
C PRO A 111 6.76 14.16 -2.72
N ALA A 112 5.53 13.70 -2.96
CA ALA A 112 5.26 12.71 -4.02
C ALA A 112 3.90 12.95 -4.65
N VAL A 113 3.88 12.80 -5.97
CA VAL A 113 2.65 12.89 -6.75
C VAL A 113 1.74 11.75 -6.27
N LEU A 114 0.49 12.06 -5.98
CA LEU A 114 -0.51 11.05 -5.63
C LEU A 114 -1.29 10.64 -6.89
N ILE A 115 -1.29 9.34 -7.18
CA ILE A 115 -1.85 8.79 -8.40
C ILE A 115 -3.00 7.85 -8.05
N THR A 116 -4.17 8.06 -8.65
CA THR A 116 -5.27 7.07 -8.51
C THR A 116 -5.54 6.47 -9.87
N THR A 117 -5.81 5.15 -9.89
CA THR A 117 -5.95 4.45 -11.14
C THR A 117 -7.15 3.51 -11.05
N LEU A 118 -8.15 3.75 -11.88
CA LEU A 118 -9.24 2.77 -12.09
C LEU A 118 -8.85 1.90 -13.27
N THR A 119 -8.88 0.58 -13.08
CA THR A 119 -8.58 -0.34 -14.14
C THR A 119 -9.78 -1.25 -14.37
N THR A 120 -10.23 -1.29 -15.61
CA THR A 120 -11.37 -2.11 -16.00
C THR A 120 -11.17 -2.49 -17.46
N THR A 121 -12.19 -3.06 -18.09
CA THR A 121 -12.16 -3.30 -19.54
C THR A 121 -13.02 -2.22 -20.18
N PRO A 122 -12.87 -1.99 -21.48
CA PRO A 122 -13.74 -1.03 -22.17
C PRO A 122 -15.23 -1.34 -21.97
N ALA A 123 -15.60 -2.61 -22.04
CA ALA A 123 -16.99 -3.02 -21.83
C ALA A 123 -17.52 -2.69 -20.44
N ASP A 124 -16.66 -2.75 -19.43
CA ASP A 124 -17.10 -2.55 -18.04
C ASP A 124 -16.95 -1.11 -17.54
N LEU A 125 -16.28 -0.24 -18.28
CA LEU A 125 -16.07 1.12 -17.79
C LEU A 125 -17.39 1.82 -17.41
N PRO A 126 -18.41 1.78 -18.27
CA PRO A 126 -19.66 2.47 -17.95
C PRO A 126 -20.33 1.99 -16.67
N HIS A 127 -20.15 0.71 -16.33
CA HIS A 127 -20.75 0.19 -15.12
C HIS A 127 -20.05 0.73 -13.86
N HIS A 128 -18.73 0.80 -13.90
CA HIS A 128 -17.94 1.18 -12.72
C HIS A 128 -17.80 2.71 -12.52
N GLU A 129 -18.03 3.46 -13.59
CA GLU A 129 -17.76 4.89 -13.63
C GLU A 129 -18.45 5.68 -12.53
N PRO A 130 -19.74 5.46 -12.29
CA PRO A 130 -20.44 6.21 -11.23
C PRO A 130 -19.78 6.13 -9.85
N ALA A 131 -19.42 4.92 -9.42
CA ALA A 131 -18.83 4.73 -8.10
C ALA A 131 -17.41 5.34 -8.07
N TRP A 132 -16.63 5.11 -9.11
CA TRP A 132 -15.31 5.72 -9.25
C TRP A 132 -15.39 7.26 -9.12
N LYS A 133 -16.27 7.85 -9.94
CA LYS A 133 -16.45 9.31 -10.01
C LYS A 133 -16.74 9.86 -8.65
N GLN A 134 -17.74 9.26 -7.98
CA GLN A 134 -18.18 9.72 -6.68
C GLN A 134 -17.02 9.69 -5.67
N ALA A 135 -16.31 8.56 -5.63
CA ALA A 135 -15.19 8.39 -4.71
C ALA A 135 -14.18 9.53 -4.91
N MET A 136 -13.81 9.73 -6.17
CA MET A 136 -12.84 10.75 -6.57
C MET A 136 -13.30 12.16 -6.25
N GLN A 137 -14.62 12.37 -6.25
CA GLN A 137 -15.21 13.67 -5.97
C GLN A 137 -15.17 13.99 -4.49
N THR A 138 -14.96 12.95 -3.68
CA THR A 138 -14.76 13.16 -2.25
C THR A 138 -13.29 13.21 -1.82
N LEU A 139 -12.35 12.94 -2.72
CA LEU A 139 -10.93 12.94 -2.33
C LEU A 139 -10.47 14.35 -1.93
N VAL A 140 -10.07 14.51 -0.67
CA VAL A 140 -9.46 15.75 -0.19
C VAL A 140 -7.99 15.55 0.12
N PRO A 141 -7.09 16.14 -0.69
CA PRO A 141 -5.67 16.07 -0.37
C PRO A 141 -5.38 16.66 1.00
N ARG A 142 -4.46 16.05 1.72
CA ARG A 142 -4.08 16.52 3.04
C ARG A 142 -2.91 17.51 2.89
N PRO A 143 -2.96 18.64 3.57
CA PRO A 143 -1.82 19.56 3.61
C PRO A 143 -0.49 18.86 4.00
N THR A 144 0.63 19.32 3.45
CA THR A 144 1.95 18.79 3.82
C THR A 144 2.41 19.34 5.19
N GLY B 1 -26.32 2.85 -0.45
CA GLY B 1 -24.89 3.08 -0.82
C GLY B 1 -24.12 3.51 0.41
N HIS B 2 -23.72 2.54 1.23
CA HIS B 2 -22.98 2.82 2.44
C HIS B 2 -21.52 3.11 2.07
N MET B 3 -20.97 4.15 2.67
CA MET B 3 -19.59 4.56 2.46
C MET B 3 -18.95 4.89 3.80
N THR B 4 -17.62 4.80 3.84
CA THR B 4 -16.84 5.15 5.02
C THR B 4 -15.63 6.01 4.60
N LEU B 5 -15.29 6.98 5.44
CA LEU B 5 -14.17 7.87 5.15
C LEU B 5 -12.91 7.06 5.34
N TYR B 6 -12.07 7.01 4.33
CA TYR B 6 -10.82 6.26 4.41
C TYR B 6 -9.66 7.23 4.52
N ARG B 7 -8.76 6.97 5.46
CA ARG B 7 -7.63 7.84 5.71
C ARG B 7 -6.33 7.24 5.16
N LEU B 8 -5.62 8.06 4.38
CA LEU B 8 -4.27 7.76 3.95
C LEU B 8 -3.39 8.97 4.25
N HIS B 9 -2.09 8.81 4.07
CA HIS B 9 -1.17 9.83 4.58
C HIS B 9 -1.38 11.13 3.80
N GLU B 10 -1.70 10.99 2.52
CA GLU B 10 -1.76 12.12 1.58
C GLU B 10 -3.15 12.67 1.33
N ALA B 11 -4.18 12.02 1.86
CA ALA B 11 -5.56 12.40 1.54
C ALA B 11 -6.58 11.64 2.39
N ASP B 12 -7.84 12.09 2.29
CA ASP B 12 -9.01 11.33 2.75
C ASP B 12 -9.95 11.22 1.59
N LEU B 13 -10.71 10.13 1.52
CA LEU B 13 -11.82 10.01 0.56
C LEU B 13 -12.85 9.02 1.08
N GLU B 14 -14.06 9.10 0.57
CA GLU B 14 -15.12 8.15 0.94
C GLU B 14 -15.03 6.91 0.08
N ILE B 15 -14.89 5.75 0.72
CA ILE B 15 -14.82 4.48 0.04
C ILE B 15 -16.10 3.67 0.34
N PRO B 16 -16.81 3.22 -0.68
CA PRO B 16 -17.98 2.33 -0.44
C PRO B 16 -17.61 1.09 0.37
N ASP B 17 -18.42 0.77 1.40
CA ASP B 17 -18.18 -0.42 2.22
C ASP B 17 -18.13 -1.71 1.42
N ALA B 18 -18.72 -1.72 0.23
CA ALA B 18 -18.70 -2.89 -0.63
C ALA B 18 -17.36 -3.16 -1.32
N TRP B 19 -16.48 -2.16 -1.33
CA TRP B 19 -15.17 -2.32 -1.96
C TRP B 19 -14.27 -3.11 -1.03
N GLN B 20 -13.51 -4.05 -1.60
CA GLN B 20 -12.61 -4.87 -0.82
C GLN B 20 -11.26 -4.17 -0.71
N ASP B 21 -10.79 -3.97 0.50
CA ASP B 21 -9.54 -3.26 0.78
C ASP B 21 -8.40 -4.27 0.85
N GLN B 22 -7.38 -4.08 0.02
CA GLN B 22 -6.18 -4.92 0.00
C GLN B 22 -4.89 -4.08 0.10
N SER B 23 -5.01 -2.92 0.74
CA SER B 23 -3.95 -1.92 0.82
C SER B 23 -2.71 -2.44 1.55
N ILE B 24 -1.56 -1.96 1.07
CA ILE B 24 -0.29 -2.36 1.66
C ILE B 24 0.68 -1.18 1.70
N ASN B 25 1.18 -0.86 2.88
CA ASN B 25 2.23 0.15 3.02
C ASN B 25 3.59 -0.53 2.92
N ILE B 26 4.49 0.08 2.15
CA ILE B 26 5.77 -0.53 1.83
C ILE B 26 6.83 0.56 1.95
N PHE B 27 7.88 0.24 2.69
CA PHE B 27 8.99 1.17 2.92
C PHE B 27 10.30 0.41 2.67
N LYS B 28 11.18 1.01 1.89
CA LYS B 28 12.52 0.47 1.65
C LYS B 28 13.49 1.12 2.61
N LEU B 29 14.19 0.31 3.40
CA LEU B 29 15.22 0.76 4.33
C LEU B 29 16.54 0.74 3.54
N PRO B 30 17.26 1.85 3.50
CA PRO B 30 18.51 1.92 2.75
C PRO B 30 19.59 1.01 3.33
N ALA B 31 20.39 0.44 2.45
CA ALA B 31 21.70 -0.13 2.82
C ALA B 31 22.54 0.79 3.73
N SER B 32 23.40 0.17 4.55
CA SER B 32 24.27 0.91 5.46
C SER B 32 25.49 0.06 5.81
N GLY B 33 26.68 0.53 5.45
CA GLY B 33 27.91 -0.21 5.67
C GLY B 33 27.85 -1.58 5.06
N PRO B 34 27.93 -2.62 5.86
CA PRO B 34 27.86 -3.98 5.35
C PRO B 34 26.43 -4.42 4.99
N ALA B 35 25.41 -3.79 5.56
CA ALA B 35 24.04 -4.31 5.47
C ALA B 35 23.41 -3.92 4.12
N ARG B 36 22.65 -4.81 3.52
CA ARG B 36 21.94 -4.40 2.31
C ARG B 36 20.58 -3.82 2.69
N GLU B 37 19.85 -3.41 1.67
CA GLU B 37 18.54 -2.86 1.85
C GLU B 37 17.64 -3.87 2.56
N ALA B 38 16.59 -3.36 3.16
CA ALA B 38 15.54 -4.20 3.74
C ALA B 38 14.19 -3.57 3.40
N SER B 39 13.11 -4.26 3.76
CA SER B 39 11.79 -3.71 3.61
C SER B 39 11.00 -3.82 4.90
N PHE B 40 10.16 -2.83 5.12
CA PHE B 40 9.20 -2.81 6.20
C PHE B 40 7.82 -2.63 5.58
N VAL B 41 6.96 -3.62 5.78
CA VAL B 41 5.66 -3.67 5.13
C VAL B 41 4.53 -3.77 6.15
N ILE B 42 3.48 -2.98 5.94
CA ILE B 42 2.31 -3.04 6.78
C ILE B 42 1.19 -3.60 5.92
N SER B 43 0.66 -4.74 6.32
CA SER B 43 -0.44 -5.40 5.61
C SER B 43 -1.60 -5.69 6.54
N ARG B 44 -2.73 -6.11 5.97
CA ARG B 44 -3.97 -6.34 6.74
C ARG B 44 -4.44 -7.76 6.48
N ASP B 45 -5.02 -8.38 7.50
CA ASP B 45 -5.49 -9.76 7.38
C ASP B 45 -6.89 -9.82 8.01
N ALA B 46 -7.87 -9.97 7.14
CA ALA B 46 -9.28 -9.97 7.52
C ALA B 46 -9.85 -11.38 7.87
N SER B 47 -8.96 -12.36 8.01
CA SER B 47 -9.36 -13.76 8.16
C SER B 47 -9.46 -14.27 9.61
N GLN B 48 -9.27 -13.39 10.60
CA GLN B 48 -9.33 -13.85 11.99
C GLN B 48 -10.69 -14.48 12.30
N GLY B 49 -11.76 -13.82 11.88
CA GLY B 49 -13.10 -14.26 12.15
C GLY B 49 -13.38 -14.21 13.64
N ASP B 50 -13.98 -15.27 14.17
CA ASP B 50 -14.29 -15.25 15.60
C ASP B 50 -13.29 -16.12 16.37
N ALA B 51 -12.20 -16.48 15.71
CA ALA B 51 -11.14 -17.20 16.37
C ALA B 51 -10.43 -16.31 17.40
N PRO B 52 -10.09 -16.90 18.54
CA PRO B 52 -9.20 -16.25 19.50
C PRO B 52 -7.91 -15.82 18.80
N PHE B 53 -7.42 -14.66 19.16
CA PHE B 53 -6.22 -14.13 18.52
C PHE B 53 -5.03 -15.05 18.67
N ALA B 54 -4.88 -15.69 19.84
CA ALA B 54 -3.82 -16.69 19.98
C ALA B 54 -3.87 -17.81 18.94
N ASP B 55 -5.06 -18.31 18.66
CA ASP B 55 -5.25 -19.32 17.62
C ASP B 55 -4.95 -18.76 16.23
N TYR B 56 -5.34 -17.52 15.95
CA TYR B 56 -5.02 -16.85 14.67
C TYR B 56 -3.50 -16.86 14.49
N VAL B 57 -2.77 -16.42 15.51
CA VAL B 57 -1.34 -16.35 15.44
C VAL B 57 -0.71 -17.72 15.26
N ALA B 58 -1.16 -18.70 16.04
CA ALA B 58 -0.67 -20.06 15.91
C ALA B 58 -0.82 -20.57 14.47
N ARG B 59 -1.96 -20.30 13.85
CA ARG B 59 -2.19 -20.59 12.43
C ARG B 59 -1.14 -19.93 11.50
N GLN B 60 -0.90 -18.64 11.73
CA GLN B 60 0.11 -17.91 10.95
C GLN B 60 1.48 -18.57 11.04
N LEU B 61 1.86 -18.99 12.25
CA LEU B 61 3.17 -19.55 12.52
C LEU B 61 3.31 -20.94 11.89
N GLU B 62 2.23 -21.70 11.94
CA GLU B 62 2.18 -23.03 11.35
C GLU B 62 2.43 -22.93 9.85
N ASN B 63 1.71 -22.03 9.20
CA ASN B 63 1.81 -21.80 7.77
C ASN B 63 3.25 -21.51 7.38
N ALA B 64 3.89 -20.54 8.04
CA ALA B 64 5.28 -20.24 7.78
C ALA B 64 6.21 -21.47 7.95
N GLU B 65 5.98 -22.22 9.02
CA GLU B 65 6.82 -23.33 9.44
C GLU B 65 6.74 -24.49 8.45
N LYS B 66 5.58 -24.61 7.82
CA LYS B 66 5.32 -25.74 6.95
C LYS B 66 5.55 -25.38 5.47
N GLN B 67 5.55 -24.07 5.15
CA GLN B 67 5.60 -23.59 3.75
C GLN B 67 6.90 -22.94 3.29
N LEU B 68 7.81 -22.60 4.20
CA LEU B 68 9.00 -21.85 3.82
C LEU B 68 10.19 -22.78 3.96
N PRO B 69 10.82 -23.09 2.83
CA PRO B 69 12.03 -23.91 2.86
C PRO B 69 13.07 -23.35 3.80
N GLY B 70 13.61 -24.20 4.67
CA GLY B 70 14.64 -23.80 5.60
C GLY B 70 14.13 -23.01 6.78
N PHE B 71 12.84 -23.06 7.04
CA PHE B 71 12.26 -22.33 8.17
C PHE B 71 12.91 -22.66 9.51
N LYS B 72 13.31 -21.63 10.24
CA LYS B 72 13.76 -21.74 11.63
C LYS B 72 13.22 -20.57 12.45
N LEU B 73 12.46 -20.88 13.49
CA LEU B 73 11.94 -19.89 14.40
C LEU B 73 13.00 -19.49 15.40
N HIS B 74 13.26 -18.20 15.52
CA HIS B 74 14.19 -17.68 16.52
C HIS B 74 13.51 -17.17 17.78
N LYS B 75 12.38 -16.47 17.62
CA LYS B 75 11.69 -15.83 18.74
C LYS B 75 10.19 -15.78 18.53
N ARG B 76 9.46 -15.87 19.64
CA ARG B 76 8.04 -15.65 19.69
C ARG B 76 7.77 -14.87 20.98
N TRP B 77 7.28 -13.64 20.86
CA TRP B 77 7.04 -12.79 22.04
C TRP B 77 5.64 -12.24 22.02
N ASP B 78 4.93 -12.46 23.12
CA ASP B 78 3.61 -11.89 23.33
C ASP B 78 3.82 -10.55 23.95
N ILE B 79 3.33 -9.51 23.28
CA ILE B 79 3.47 -8.15 23.71
C ILE B 79 2.16 -7.38 23.53
N ASN B 80 2.13 -6.17 24.08
CA ASN B 80 0.95 -5.34 24.18
C ASN B 80 1.24 -4.00 23.53
N ILE B 81 0.46 -3.61 22.53
CA ILE B 81 0.65 -2.33 21.86
C ILE B 81 -0.57 -1.47 22.08
N HIS B 82 -0.50 -0.60 23.07
CA HIS B 82 -1.61 0.30 23.36
C HIS B 82 -2.91 -0.46 23.62
N GLY B 83 -2.81 -1.47 24.45
CA GLY B 83 -3.95 -2.30 24.81
C GLY B 83 -4.22 -3.40 23.82
N HIS B 84 -3.68 -3.30 22.61
CA HIS B 84 -3.86 -4.32 21.57
C HIS B 84 -2.96 -5.52 21.73
N ALA B 85 -3.55 -6.71 21.76
CA ALA B 85 -2.76 -7.92 21.82
C ALA B 85 -1.87 -8.00 20.58
N ALA B 86 -0.64 -8.47 20.77
CA ALA B 86 0.28 -8.60 19.64
C ALA B 86 1.27 -9.68 19.87
N VAL B 87 1.78 -10.22 18.76
CA VAL B 87 2.81 -11.21 18.81
C VAL B 87 3.91 -10.88 17.81
N LEU B 88 5.16 -10.87 18.29
CA LEU B 88 6.34 -10.76 17.43
C LEU B 88 6.92 -12.15 17.16
N LEU B 89 7.14 -12.47 15.89
CA LEU B 89 7.91 -13.64 15.46
C LEU B 89 9.18 -13.22 14.73
N ASP B 90 10.32 -13.76 15.14
CA ASP B 90 11.55 -13.67 14.36
C ASP B 90 11.73 -15.03 13.78
N TYR B 91 11.79 -15.13 12.46
CA TYR B 91 12.13 -16.39 11.82
C TYR B 91 12.92 -16.17 10.55
N GLN B 92 13.72 -17.16 10.20
CA GLN B 92 14.44 -17.14 8.94
C GLN B 92 13.96 -18.25 8.01
N TRP B 93 14.16 -18.07 6.71
CA TRP B 93 14.00 -19.13 5.72
C TRP B 93 14.97 -18.91 4.54
N GLN B 94 15.11 -19.90 3.66
CA GLN B 94 16.09 -19.83 2.58
C GLN B 94 15.39 -19.71 1.23
N ARG B 95 15.66 -18.62 0.52
CA ARG B 95 15.07 -18.30 -0.77
C ARG B 95 16.19 -18.21 -1.80
N GLU B 96 16.20 -19.15 -2.74
CA GLU B 96 17.20 -19.17 -3.82
C GLU B 96 18.61 -19.26 -3.25
N GLY B 97 18.80 -20.16 -2.28
CA GLY B 97 20.10 -20.32 -1.64
C GLY B 97 20.51 -19.24 -0.64
N ARG B 98 19.77 -18.14 -0.52
CA ARG B 98 20.10 -17.09 0.46
C ARG B 98 19.13 -17.04 1.66
N ASP B 99 19.68 -16.85 2.85
CA ASP B 99 18.90 -16.80 4.08
C ASP B 99 18.22 -15.44 4.27
N LEU B 100 16.91 -15.46 4.47
CA LEU B 100 16.13 -14.26 4.77
C LEU B 100 15.67 -14.30 6.22
N MET B 101 15.73 -13.16 6.90
CA MET B 101 15.24 -13.00 8.27
C MET B 101 14.02 -12.09 8.24
N LEU B 102 12.95 -12.57 8.87
CA LEU B 102 11.74 -11.80 9.04
C LEU B 102 11.48 -11.54 10.51
N ARG B 103 11.14 -10.30 10.81
CA ARG B 103 10.64 -9.90 12.10
C ARG B 103 9.24 -9.37 11.86
N GLN B 104 8.26 -10.13 12.32
CA GLN B 104 6.90 -9.93 11.92
C GLN B 104 6.06 -9.75 13.18
N VAL B 105 5.29 -8.67 13.22
CA VAL B 105 4.40 -8.38 14.35
C VAL B 105 2.94 -8.39 13.90
N PHE B 106 2.14 -9.25 14.56
CA PHE B 106 0.70 -9.32 14.32
C PHE B 106 0.01 -8.55 15.42
N ILE B 107 -0.86 -7.62 15.04
CA ILE B 107 -1.53 -6.74 15.96
C ILE B 107 -3.02 -6.92 15.82
N GLU B 108 -3.65 -7.38 16.89
CA GLU B 108 -5.09 -7.64 16.86
C GLU B 108 -5.84 -6.36 16.69
N ARG B 109 -6.68 -6.35 15.67
CA ARG B 109 -7.57 -5.26 15.41
C ARG B 109 -8.72 -5.78 14.55
N ARG B 110 -9.84 -5.06 14.62
CA ARG B 110 -10.99 -5.30 13.76
C ARG B 110 -11.20 -4.07 12.87
N PRO B 111 -11.63 -4.23 11.62
CA PRO B 111 -12.02 -5.52 11.03
C PRO B 111 -10.87 -6.39 10.56
N ALA B 112 -9.62 -5.92 10.62
CA ALA B 112 -8.50 -6.71 10.11
C ALA B 112 -7.27 -6.56 10.97
N VAL B 113 -6.62 -7.68 11.22
CA VAL B 113 -5.36 -7.76 11.93
C VAL B 113 -4.36 -6.90 11.16
N LEU B 114 -3.60 -6.09 11.87
CA LEU B 114 -2.55 -5.26 11.25
C LEU B 114 -1.25 -5.98 11.44
N ILE B 115 -0.53 -6.25 10.34
CA ILE B 115 0.74 -6.95 10.39
C ILE B 115 1.90 -6.05 9.92
N THR B 116 2.98 -5.99 10.68
CA THR B 116 4.19 -5.31 10.19
C THR B 116 5.26 -6.37 9.96
N THR B 117 5.99 -6.22 8.88
CA THR B 117 6.94 -7.25 8.47
C THR B 117 8.22 -6.57 8.02
N LEU B 118 9.29 -6.82 8.76
CA LEU B 118 10.65 -6.42 8.38
C LEU B 118 11.28 -7.60 7.68
N THR B 119 11.67 -7.42 6.41
CA THR B 119 12.38 -8.45 5.68
C THR B 119 13.82 -8.03 5.48
N THR B 120 14.73 -8.87 5.96
CA THR B 120 16.14 -8.55 5.96
C THR B 120 16.90 -9.87 5.89
N THR B 121 18.11 -9.94 6.43
CA THR B 121 18.88 -11.18 6.53
C THR B 121 19.36 -11.40 7.97
N PRO B 122 19.83 -12.61 8.29
CA PRO B 122 20.38 -12.87 9.63
C PRO B 122 21.48 -11.88 10.04
N ALA B 123 22.45 -11.60 9.18
CA ALA B 123 23.51 -10.65 9.53
C ALA B 123 23.05 -9.19 9.52
N ASP B 124 22.05 -8.85 8.74
CA ASP B 124 21.63 -7.46 8.63
C ASP B 124 20.61 -7.08 9.68
N LEU B 125 19.98 -8.05 10.32
CA LEU B 125 18.92 -7.72 11.28
C LEU B 125 19.39 -6.74 12.39
N PRO B 126 20.57 -6.97 13.00
CA PRO B 126 21.06 -6.03 14.02
C PRO B 126 21.36 -4.63 13.49
N HIS B 127 21.66 -4.53 12.20
CA HIS B 127 21.91 -3.23 11.60
C HIS B 127 20.61 -2.45 11.39
N HIS B 128 19.52 -3.14 11.04
CA HIS B 128 18.22 -2.48 10.84
C HIS B 128 17.34 -2.40 12.08
N GLU B 129 17.71 -3.13 13.12
CA GLU B 129 16.90 -3.18 14.34
C GLU B 129 16.62 -1.82 14.99
N PRO B 130 17.60 -0.95 15.13
CA PRO B 130 17.34 0.37 15.74
C PRO B 130 16.24 1.17 15.01
N ALA B 131 16.29 1.19 13.68
CA ALA B 131 15.29 1.95 12.90
C ALA B 131 13.93 1.25 12.98
N TRP B 132 13.93 -0.07 12.90
CA TRP B 132 12.71 -0.86 13.06
C TRP B 132 12.04 -0.57 14.41
N LYS B 133 12.87 -0.59 15.46
CA LYS B 133 12.38 -0.44 16.83
C LYS B 133 11.78 0.95 17.02
N GLN B 134 12.41 1.99 16.49
CA GLN B 134 11.86 3.36 16.62
C GLN B 134 10.52 3.55 15.93
N ALA B 135 10.35 2.97 14.75
CA ALA B 135 9.05 2.94 14.10
C ALA B 135 8.01 2.15 14.90
N MET B 136 8.37 0.94 15.33
CA MET B 136 7.39 0.08 16.00
C MET B 136 6.96 0.63 17.37
N GLN B 137 7.88 1.29 18.05
CA GLN B 137 7.60 1.88 19.37
C GLN B 137 6.70 3.10 19.30
N THR B 138 6.50 3.64 18.10
CA THR B 138 5.66 4.80 17.93
C THR B 138 4.35 4.46 17.22
N LEU B 139 4.14 3.19 16.90
CA LEU B 139 2.92 2.78 16.22
C LEU B 139 1.77 2.81 17.20
N VAL B 140 0.80 3.67 16.93
CA VAL B 140 -0.42 3.77 17.71
C VAL B 140 -1.65 3.37 16.89
N PRO B 141 -2.24 2.23 17.20
CA PRO B 141 -3.44 1.80 16.48
C PRO B 141 -4.54 2.82 16.65
N ARG B 142 -5.32 3.01 15.60
CA ARG B 142 -6.47 3.90 15.65
C ARG B 142 -7.62 3.07 16.21
N PRO B 143 -8.42 3.66 17.09
CA PRO B 143 -9.74 3.10 17.44
C PRO B 143 -10.63 2.73 16.24
N THR B 144 -11.36 1.62 16.34
CA THR B 144 -12.22 1.16 15.25
C THR B 144 -13.69 1.46 15.50
C1 EDO C . -3.08 20.82 -14.67
O1 EDO C . -3.88 21.85 -14.07
C2 EDO C . -1.85 21.47 -15.24
O2 EDO C . -1.17 20.79 -16.29
C1 EDO D . -12.17 13.88 -10.82
O1 EDO D . -13.17 13.46 -11.74
C2 EDO D . -12.85 14.37 -9.57
O2 EDO D . -12.58 15.75 -9.36
C1 PEG E . 2.44 5.51 -13.14
O1 PEG E . 3.71 6.17 -13.01
C2 PEG E . 1.69 5.74 -14.47
O2 PEG E . 2.51 5.66 -15.65
C3 PEG E . 2.25 4.58 -16.58
C4 PEG E . 3.23 4.57 -17.75
O4 PEG E . 4.09 3.41 -17.82
S SO4 F . 28.68 -7.49 10.44
O1 SO4 F . 29.24 -6.23 10.91
O2 SO4 F . 28.88 -8.52 11.45
O3 SO4 F . 27.24 -7.34 10.27
O4 SO4 F . 29.34 -7.88 9.20
C1 EDO G . -1.46 -13.24 23.19
O1 EDO G . -1.01 -14.52 22.72
C2 EDO G . -0.56 -12.10 22.75
O2 EDO G . -0.54 -11.03 23.69
C1 PEG H . 8.32 -3.47 19.37
O1 PEG H . 7.25 -2.87 20.15
C2 PEG H . 9.54 -3.96 20.20
O2 PEG H . 9.47 -5.37 20.51
C3 PEG H . 10.67 -6.18 20.40
C4 PEG H . 12.02 -5.51 20.70
O4 PEG H . 13.11 -6.38 20.35
C1 PEG I . 14.54 -6.03 0.71
O1 PEG I . 14.07 -5.59 -0.56
C2 PEG I . 14.48 -7.55 0.85
O2 PEG I . 15.36 -7.98 1.89
C3 PEG I . 16.75 -8.23 1.57
C4 PEG I . 17.00 -9.64 1.02
O4 PEG I . 18.21 -9.68 0.28
C1 PEG J . 26.66 -5.49 13.91
O1 PEG J . 27.04 -6.81 14.33
C2 PEG J . 25.55 -4.93 14.79
O2 PEG J . 25.38 -3.50 14.77
C3 PEG J . 25.84 -2.71 15.90
C4 PEG J . 25.17 -2.97 17.26
O4 PEG J . 26.15 -3.13 18.31
#